data_6KII
#
_entry.id   6KII
#
_cell.length_a   49.839
_cell.length_b   106.791
_cell.length_c   110.128
_cell.angle_alpha   90.000
_cell.angle_beta   90.000
_cell.angle_gamma   90.000
#
_symmetry.space_group_name_H-M   'P 21 21 21'
#
loop_
_entity.id
_entity.type
_entity.pdbx_description
1 polymer 'Deoxyribopyrimidine photolyase'
2 non-polymer 'FLAVIN-ADENINE DINUCLEOTIDE'
3 non-polymer '5,10-METHENYL-6,7,8-TRIHYDROFOLIC ACID'
4 non-polymer GLYCEROL
5 water water
#
_entity_poly.entity_id   1
_entity_poly.type   'polypeptide(L)'
_entity_poly.pdbx_seq_one_letter_code
;MAANPQKIILWYRNDLRLHDHEPLDLATSTQGQIIPLYCFDPRQFAKTSFGFPKTGGFRGKFLLESVADLRHNFQKIGSN
LLVRIGEPERVIFDLVKQLNIDAVYYHKEVTAEELAVETALEKALTPLGVEVKSFWGATLYHLKELPFPIEKLPELFTNF
RKQVEQKSVIYPPYTPPNQLPQFPDIEPGEIPTLTELGITPAPFDERSVLDFAGGETAGLSRLNDYFWRRDCLKNYKQTR
NGMLGSDYSSKFSPWLANGCLSPRWIYQQVQDYQHQRVKNDSTYWLVFELLWRDYFRFICLKHGPKVFYKSGLQGVKIPW
GENWEQWQIWCQGLTGFPLVDANMRELAATGFMSNRGRQNVASFLTKNLGINWQMGAEWFESVLIDYDVCSNWGNWNYTA
GVGNDGRGFRYFNIAKQSQDYDPMGDYVKHWLPELASIPDGRVHSPWRLSNQEQIRFGVRLGVDYPYPMVDLQESVEANR
RIYEKALRMT
;
_entity_poly.pdbx_strand_id   A
#
loop_
_chem_comp.id
_chem_comp.type
_chem_comp.name
_chem_comp.formula
FAD non-polymer 'FLAVIN-ADENINE DINUCLEOTIDE' 'C27 H33 N9 O15 P2'
GOL non-polymer GLYCEROL 'C3 H8 O3'
MHF non-polymer '5,10-METHENYL-6,7,8-TRIHYDROFOLIC ACID' 'C20 H23 N7 O6'
#
# COMPACT_ATOMS: atom_id res chain seq x y z
N GLN A 6 13.82 27.79 -17.83
CA GLN A 6 13.26 28.98 -17.24
C GLN A 6 11.83 28.74 -16.75
N LYS A 7 11.10 27.85 -17.42
CA LYS A 7 9.75 27.48 -17.00
C LYS A 7 9.67 25.97 -16.87
N ILE A 8 9.38 25.49 -15.67
CA ILE A 8 9.44 24.07 -15.34
C ILE A 8 8.10 23.63 -14.80
N ILE A 9 7.52 22.58 -15.40
CA ILE A 9 6.39 21.90 -14.78
C ILE A 9 6.92 20.83 -13.84
N LEU A 10 6.47 20.86 -12.60
CA LEU A 10 6.74 19.80 -11.63
C LEU A 10 5.51 18.91 -11.65
N TRP A 11 5.62 17.77 -12.33
CA TRP A 11 4.52 16.84 -12.48
C TRP A 11 4.51 15.88 -11.30
N TYR A 12 3.40 15.88 -10.55
CA TYR A 12 3.23 15.05 -9.37
C TYR A 12 2.38 13.82 -9.69
N ARG A 13 2.75 12.68 -9.06
CA ARG A 13 1.95 11.46 -9.10
C ARG A 13 1.79 10.86 -7.70
N ASN A 14 2.71 9.98 -7.30
CA ASN A 14 2.65 9.30 -6.00
C ASN A 14 3.71 9.84 -5.04
N ASP A 15 3.89 11.15 -5.08
CA ASP A 15 4.97 11.85 -4.39
C ASP A 15 4.44 13.16 -3.82
N LEU A 16 3.28 13.09 -3.16
CA LEU A 16 2.46 14.27 -2.88
C LEU A 16 2.95 15.00 -1.62
N ARG A 17 4.12 15.64 -1.77
CA ARG A 17 4.76 16.31 -0.64
C ARG A 17 5.68 17.40 -1.15
N LEU A 18 6.05 18.30 -0.22
CA LEU A 18 7.14 19.25 -0.45
C LEU A 18 8.46 18.83 0.19
N HIS A 19 8.43 18.09 1.30
CA HIS A 19 9.65 17.58 1.92
C HIS A 19 10.29 16.50 1.04
N ASP A 20 11.61 16.40 1.13
CA ASP A 20 12.40 15.35 0.45
C ASP A 20 11.93 15.14 -0.99
N HIS A 21 11.99 16.21 -1.78
CA HIS A 21 11.49 16.18 -3.15
C HIS A 21 12.58 16.74 -4.05
N GLU A 22 13.44 15.85 -4.57
CA GLU A 22 14.54 16.32 -5.42
C GLU A 22 14.07 17.09 -6.65
N PRO A 23 13.00 16.69 -7.38
CA PRO A 23 12.57 17.54 -8.50
C PRO A 23 12.26 18.97 -8.08
N LEU A 24 11.54 19.15 -6.98
CA LEU A 24 11.27 20.49 -6.48
C LEU A 24 12.55 21.17 -6.03
N ASP A 25 13.44 20.42 -5.38
CA ASP A 25 14.72 21.00 -4.93
C ASP A 25 15.53 21.53 -6.11
N LEU A 26 15.69 20.72 -7.15
CA LEU A 26 16.46 21.15 -8.31
C LEU A 26 15.81 22.33 -9.01
N ALA A 27 14.48 22.30 -9.17
CA ALA A 27 13.79 23.37 -9.87
C ALA A 27 13.94 24.70 -9.13
N THR A 28 13.81 24.69 -7.80
CA THR A 28 13.93 25.93 -7.04
C THR A 28 15.34 26.49 -7.10
N SER A 29 16.35 25.62 -7.27
CA SER A 29 17.72 26.11 -7.35
C SER A 29 18.01 26.81 -8.67
N THR A 30 17.17 26.64 -9.69
CA THR A 30 17.38 27.28 -10.97
C THR A 30 16.77 28.68 -11.05
N GLN A 31 15.88 29.02 -10.13
CA GLN A 31 15.19 30.31 -10.10
C GLN A 31 14.30 30.54 -11.33
N GLY A 32 13.95 29.48 -12.06
CA GLY A 32 12.96 29.62 -13.10
C GLY A 32 11.54 29.58 -12.53
N GLN A 33 10.57 29.83 -13.41
CA GLN A 33 9.18 29.74 -12.97
C GLN A 33 8.80 28.28 -12.81
N ILE A 34 8.21 27.95 -11.68
CA ILE A 34 7.87 26.58 -11.31
C ILE A 34 6.35 26.46 -11.33
N ILE A 35 5.85 25.44 -12.02
CA ILE A 35 4.42 25.23 -12.17
C ILE A 35 4.10 23.81 -11.70
N PRO A 36 3.68 23.64 -10.45
CA PRO A 36 3.32 22.29 -9.99
C PRO A 36 2.02 21.84 -10.64
N LEU A 37 1.96 20.55 -11.01
CA LEU A 37 0.81 20.01 -11.71
C LEU A 37 0.46 18.63 -11.16
N TYR A 38 -0.82 18.41 -10.86
CA TYR A 38 -1.35 17.07 -10.61
C TYR A 38 -2.47 16.80 -11.61
N CYS A 39 -2.43 15.63 -12.25
CA CYS A 39 -3.46 15.19 -13.18
C CYS A 39 -4.24 14.04 -12.59
N PHE A 40 -5.56 14.17 -12.54
CA PHE A 40 -6.40 13.01 -12.26
C PHE A 40 -6.55 12.23 -13.56
N ASP A 41 -5.92 11.06 -13.59
CA ASP A 41 -5.77 10.23 -14.78
C ASP A 41 -6.97 9.30 -14.85
N PRO A 42 -7.88 9.44 -15.82
CA PRO A 42 -9.11 8.65 -15.80
C PRO A 42 -8.89 7.16 -15.78
N ARG A 43 -7.73 6.70 -16.25
CA ARG A 43 -7.45 5.27 -16.26
C ARG A 43 -7.30 4.72 -14.85
N GLN A 44 -6.97 5.58 -13.89
CA GLN A 44 -6.89 5.19 -12.48
C GLN A 44 -8.27 4.97 -11.86
N PHE A 45 -9.34 5.35 -12.55
CA PHE A 45 -10.66 5.26 -11.98
C PHE A 45 -11.58 4.41 -12.84
N ALA A 46 -10.98 3.55 -13.66
CA ALA A 46 -11.70 2.55 -14.43
C ALA A 46 -11.81 1.28 -13.61
N LYS A 47 -11.49 0.13 -14.18
CA LYS A 47 -11.64 -1.14 -13.48
C LYS A 47 -10.38 -1.99 -13.57
N THR A 48 -10.17 -2.81 -12.55
CA THR A 48 -9.15 -3.86 -12.61
C THR A 48 -9.60 -4.96 -13.57
N SER A 49 -8.68 -5.90 -13.86
CA SER A 49 -9.00 -6.89 -14.89
C SER A 49 -10.17 -7.78 -14.49
N PHE A 50 -10.34 -8.07 -13.20
CA PHE A 50 -11.48 -8.86 -12.75
C PHE A 50 -12.72 -8.00 -12.49
N GLY A 51 -12.63 -6.69 -12.73
CA GLY A 51 -13.81 -5.84 -12.74
C GLY A 51 -14.02 -4.98 -11.53
N PHE A 52 -13.07 -4.91 -10.60
CA PHE A 52 -13.26 -4.09 -9.41
C PHE A 52 -12.91 -2.65 -9.73
N PRO A 53 -13.46 -1.68 -8.98
CA PRO A 53 -13.03 -0.29 -9.17
C PRO A 53 -11.53 -0.17 -9.02
N LYS A 54 -10.90 0.51 -9.96
CA LYS A 54 -9.45 0.62 -9.93
C LYS A 54 -8.99 1.37 -8.68
N THR A 55 -9.75 2.39 -8.27
CA THR A 55 -9.49 3.12 -7.02
C THR A 55 -10.82 3.20 -6.25
N GLY A 56 -10.90 2.46 -5.13
CA GLY A 56 -12.12 2.46 -4.35
C GLY A 56 -12.27 3.72 -3.51
N GLY A 57 -13.36 3.76 -2.76
CA GLY A 57 -13.74 4.98 -2.07
C GLY A 57 -12.83 5.39 -0.92
N PHE A 58 -12.23 4.42 -0.23
CA PHE A 58 -11.35 4.77 0.89
C PHE A 58 -10.10 5.48 0.38
N ARG A 59 -9.45 4.89 -0.63
CA ARG A 59 -8.25 5.52 -1.16
C ARG A 59 -8.61 6.77 -1.96
N GLY A 60 -9.77 6.76 -2.63
CA GLY A 60 -10.18 7.95 -3.36
C GLY A 60 -10.30 9.17 -2.47
N LYS A 61 -10.96 9.00 -1.32
CA LYS A 61 -11.10 10.11 -0.38
C LYS A 61 -9.73 10.56 0.12
N PHE A 62 -8.88 9.60 0.48
CA PHE A 62 -7.54 9.93 0.96
C PHE A 62 -6.73 10.67 -0.10
N LEU A 63 -6.86 10.24 -1.36
CA LEU A 63 -6.16 10.90 -2.46
C LEU A 63 -6.63 12.33 -2.63
N LEU A 64 -7.95 12.53 -2.64
CA LEU A 64 -8.45 13.90 -2.80
C LEU A 64 -7.95 14.80 -1.68
N GLU A 65 -7.93 14.27 -0.44
CA GLU A 65 -7.42 15.06 0.68
C GLU A 65 -5.94 15.35 0.50
N SER A 66 -5.19 14.39 -0.06
CA SER A 66 -3.76 14.56 -0.22
C SER A 66 -3.45 15.59 -1.30
N VAL A 67 -4.23 15.60 -2.38
CA VAL A 67 -4.03 16.60 -3.42
C VAL A 67 -4.40 18.00 -2.93
N ALA A 68 -5.50 18.11 -2.18
CA ALA A 68 -5.86 19.39 -1.58
C ALA A 68 -4.77 19.91 -0.65
N ASP A 69 -4.19 19.02 0.18
CA ASP A 69 -3.13 19.49 1.07
C ASP A 69 -1.90 19.93 0.30
N LEU A 70 -1.53 19.20 -0.77
CA LEU A 70 -0.40 19.61 -1.58
C LEU A 70 -0.62 20.99 -2.18
N ARG A 71 -1.82 21.24 -2.71
CA ARG A 71 -2.15 22.58 -3.20
C ARG A 71 -1.99 23.62 -2.10
N HIS A 72 -2.57 23.36 -0.93
CA HIS A 72 -2.48 24.33 0.16
C HIS A 72 -1.04 24.60 0.54
N ASN A 73 -0.22 23.56 0.60
CA ASN A 73 1.17 23.76 1.01
C ASN A 73 1.97 24.54 -0.02
N PHE A 74 1.67 24.37 -1.32
CA PHE A 74 2.26 25.25 -2.32
C PHE A 74 1.74 26.68 -2.16
N GLN A 75 0.46 26.84 -1.87
CA GLN A 75 -0.08 28.18 -1.69
C GLN A 75 0.59 28.90 -0.52
N LYS A 76 0.93 28.15 0.54
CA LYS A 76 1.55 28.77 1.71
C LYS A 76 2.91 29.37 1.40
N ILE A 77 3.60 28.87 0.39
CA ILE A 77 4.92 29.42 0.04
C ILE A 77 4.86 30.27 -1.23
N GLY A 78 3.67 30.74 -1.59
CA GLY A 78 3.54 31.73 -2.64
C GLY A 78 3.19 31.20 -4.02
N SER A 79 2.88 29.91 -4.14
CA SER A 79 2.59 29.30 -5.42
C SER A 79 1.17 28.73 -5.44
N ASN A 80 0.96 27.68 -6.23
CA ASN A 80 -0.32 26.97 -6.29
C ASN A 80 -0.03 25.61 -6.90
N LEU A 81 -1.07 24.79 -7.00
CA LEU A 81 -0.99 23.50 -7.68
C LEU A 81 -1.98 23.53 -8.82
N LEU A 82 -1.49 23.35 -10.05
CA LEU A 82 -2.37 23.22 -11.21
C LEU A 82 -3.00 21.84 -11.16
N VAL A 83 -4.31 21.77 -11.28
CA VAL A 83 -5.02 20.49 -11.25
C VAL A 83 -5.78 20.34 -12.55
N ARG A 84 -5.60 19.20 -13.22
CA ARG A 84 -6.34 18.92 -14.44
C ARG A 84 -6.83 17.48 -14.39
N ILE A 85 -7.84 17.19 -15.21
CA ILE A 85 -8.39 15.85 -15.37
C ILE A 85 -8.07 15.38 -16.77
N GLY A 86 -7.36 14.27 -16.88
CA GLY A 86 -7.01 13.73 -18.19
C GLY A 86 -5.77 12.88 -18.11
N GLU A 87 -5.42 12.30 -19.26
CA GLU A 87 -4.19 11.50 -19.36
C GLU A 87 -2.98 12.44 -19.34
N PRO A 88 -2.01 12.24 -18.45
CA PRO A 88 -0.90 13.21 -18.36
C PRO A 88 -0.12 13.38 -19.66
N GLU A 89 0.03 12.34 -20.46
CA GLU A 89 0.77 12.51 -21.71
C GLU A 89 0.04 13.47 -22.65
N ARG A 90 -1.27 13.62 -22.53
CA ARG A 90 -2.02 14.60 -23.32
C ARG A 90 -2.11 15.96 -22.61
N VAL A 91 -2.43 15.95 -21.32
CA VAL A 91 -2.57 17.19 -20.56
C VAL A 91 -1.26 17.97 -20.56
N ILE A 92 -0.15 17.28 -20.30
CA ILE A 92 1.13 17.99 -20.21
C ILE A 92 1.56 18.50 -21.57
N PHE A 93 1.30 17.73 -22.63
CA PHE A 93 1.59 18.20 -23.98
C PHE A 93 0.87 19.51 -24.26
N ASP A 94 -0.42 19.58 -23.93
CA ASP A 94 -1.18 20.80 -24.16
C ASP A 94 -0.65 21.94 -23.30
N LEU A 95 -0.35 21.68 -22.03
CA LEU A 95 0.16 22.73 -21.16
C LEU A 95 1.52 23.23 -21.62
N VAL A 96 2.36 22.33 -22.13
CA VAL A 96 3.68 22.73 -22.61
C VAL A 96 3.54 23.74 -23.75
N LYS A 97 2.59 23.48 -24.65
CA LYS A 97 2.33 24.43 -25.73
C LYS A 97 1.67 25.69 -25.20
N GLN A 98 0.73 25.56 -24.26
CA GLN A 98 -0.01 26.71 -23.78
C GLN A 98 0.90 27.70 -23.07
N LEU A 99 1.86 27.20 -22.30
CA LEU A 99 2.68 28.05 -21.44
C LEU A 99 4.13 28.17 -21.90
N ASN A 100 4.50 27.60 -23.04
CA ASN A 100 5.88 27.61 -23.53
C ASN A 100 6.84 27.08 -22.47
N ILE A 101 6.54 25.86 -22.03
CA ILE A 101 7.31 25.20 -20.99
C ILE A 101 8.63 24.70 -21.53
N ASP A 102 9.70 24.85 -20.73
CA ASP A 102 11.03 24.41 -21.12
C ASP A 102 11.40 23.03 -20.62
N ALA A 103 10.84 22.58 -19.49
CA ALA A 103 11.23 21.32 -18.90
C ALA A 103 10.10 20.77 -18.07
N VAL A 104 10.04 19.45 -17.96
CA VAL A 104 9.11 18.75 -17.07
C VAL A 104 9.95 17.85 -16.16
N TYR A 105 9.81 18.04 -14.85
CA TYR A 105 10.50 17.21 -13.86
C TYR A 105 9.49 16.31 -13.15
N TYR A 106 9.87 15.04 -12.93
CA TYR A 106 8.96 14.13 -12.22
C TYR A 106 9.74 13.00 -11.58
N HIS A 107 9.04 12.25 -10.73
CA HIS A 107 9.60 11.10 -10.04
C HIS A 107 9.36 9.82 -10.81
N LYS A 108 10.41 8.99 -10.89
CA LYS A 108 10.37 7.73 -11.62
C LYS A 108 9.51 6.69 -10.91
N GLU A 109 8.73 5.94 -11.69
CA GLU A 109 8.02 4.77 -11.21
C GLU A 109 8.66 3.51 -11.85
N VAL A 110 8.18 2.33 -11.46
CA VAL A 110 8.85 1.08 -11.82
C VAL A 110 7.91 0.02 -12.39
N THR A 111 6.61 0.29 -12.46
CA THR A 111 5.64 -0.72 -12.90
C THR A 111 4.97 -0.31 -14.21
N ALA A 112 4.43 -1.32 -14.90
CA ALA A 112 4.06 -1.20 -16.32
C ALA A 112 3.14 -0.01 -16.61
N GLU A 113 2.04 0.14 -15.87
CA GLU A 113 1.08 1.20 -16.20
C GLU A 113 1.73 2.57 -16.09
N GLU A 114 2.47 2.80 -15.01
CA GLU A 114 3.13 4.08 -14.79
C GLU A 114 4.23 4.32 -15.82
N LEU A 115 4.97 3.27 -16.18
CA LEU A 115 6.02 3.40 -17.19
C LEU A 115 5.45 3.74 -18.55
N ALA A 116 4.26 3.21 -18.87
CA ALA A 116 3.64 3.53 -20.15
C ALA A 116 3.30 5.01 -20.23
N VAL A 117 2.85 5.60 -19.12
CA VAL A 117 2.60 7.04 -19.11
C VAL A 117 3.90 7.81 -19.35
N GLU A 118 4.98 7.42 -18.66
CA GLU A 118 6.28 8.08 -18.87
C GLU A 118 6.71 8.00 -20.31
N THR A 119 6.61 6.80 -20.90
CA THR A 119 7.03 6.61 -22.28
C THR A 119 6.20 7.46 -23.23
N ALA A 120 4.88 7.48 -23.04
CA ALA A 120 4.02 8.28 -23.91
C ALA A 120 4.31 9.77 -23.76
N LEU A 121 4.61 10.21 -22.53
CA LEU A 121 4.93 11.62 -22.32
C LEU A 121 6.22 12.01 -23.04
N GLU A 122 7.27 11.20 -22.87
CA GLU A 122 8.53 11.49 -23.55
C GLU A 122 8.34 11.51 -25.06
N LYS A 123 7.55 10.58 -25.59
CA LYS A 123 7.30 10.55 -27.03
C LYS A 123 6.56 11.82 -27.48
N ALA A 124 5.65 12.32 -26.64
CA ALA A 124 4.88 13.50 -27.00
C ALA A 124 5.72 14.77 -26.95
N LEU A 125 6.67 14.85 -26.01
CA LEU A 125 7.38 16.09 -25.73
C LEU A 125 8.68 16.25 -26.52
N THR A 126 9.35 15.14 -26.85
CA THR A 126 10.60 15.26 -27.59
C THR A 126 10.46 16.02 -28.91
N PRO A 127 9.36 15.90 -29.67
CA PRO A 127 9.24 16.75 -30.87
C PRO A 127 9.24 18.23 -30.57
N LEU A 128 8.81 18.64 -29.38
CA LEU A 128 8.78 20.03 -28.99
C LEU A 128 10.11 20.52 -28.42
N GLY A 129 11.11 19.65 -28.32
CA GLY A 129 12.37 20.03 -27.72
C GLY A 129 12.30 20.32 -26.24
N VAL A 130 11.32 19.79 -25.54
CA VAL A 130 11.13 20.05 -24.13
C VAL A 130 11.88 18.99 -23.33
N GLU A 131 12.72 19.44 -22.40
CA GLU A 131 13.48 18.52 -21.57
C GLU A 131 12.57 17.77 -20.62
N VAL A 132 12.78 16.46 -20.50
CA VAL A 132 12.07 15.62 -19.56
C VAL A 132 13.11 15.01 -18.64
N LYS A 133 12.96 15.25 -17.33
CA LYS A 133 13.96 14.84 -16.36
C LYS A 133 13.26 14.08 -15.24
N SER A 134 13.67 12.84 -15.02
CA SER A 134 13.07 12.01 -13.99
C SER A 134 14.07 11.79 -12.86
N PHE A 135 13.54 11.53 -11.66
CA PHE A 135 14.32 11.44 -10.43
C PHE A 135 13.84 10.23 -9.63
N TRP A 136 14.77 9.54 -8.98
CA TRP A 136 14.42 8.41 -8.14
C TRP A 136 14.20 8.88 -6.70
N GLY A 137 12.99 8.66 -6.18
CA GLY A 137 12.72 9.25 -4.86
C GLY A 137 11.84 8.53 -3.86
N ALA A 138 11.42 7.29 -4.14
CA ALA A 138 10.41 6.67 -3.29
C ALA A 138 10.99 5.74 -2.23
N THR A 139 12.29 5.46 -2.25
CA THR A 139 12.87 4.44 -1.38
C THR A 139 13.78 5.05 -0.31
N LEU A 140 14.05 4.23 0.71
CA LEU A 140 15.00 4.61 1.76
C LEU A 140 16.41 4.69 1.21
N TYR A 141 16.87 3.62 0.57
CA TYR A 141 18.11 3.60 -0.18
C TYR A 141 17.80 3.94 -1.63
N HIS A 142 18.44 4.99 -2.15
CA HIS A 142 18.17 5.33 -3.53
C HIS A 142 18.91 4.38 -4.46
N LEU A 143 18.38 4.22 -5.67
CA LEU A 143 18.92 3.25 -6.62
C LEU A 143 20.41 3.44 -6.85
N LYS A 144 20.89 4.69 -6.84
CA LYS A 144 22.29 4.95 -7.14
C LYS A 144 23.24 4.58 -6.00
N GLU A 145 22.74 4.41 -4.78
CA GLU A 145 23.57 4.02 -3.64
C GLU A 145 23.65 2.51 -3.43
N LEU A 146 22.86 1.72 -4.15
CA LEU A 146 22.91 0.28 -3.97
C LEU A 146 24.31 -0.24 -4.31
N PRO A 147 24.78 -1.27 -3.61
CA PRO A 147 26.14 -1.77 -3.84
C PRO A 147 26.22 -2.71 -5.03
N PHE A 148 25.19 -2.72 -5.87
CA PHE A 148 25.11 -3.60 -7.02
C PHE A 148 24.20 -2.95 -8.05
N PRO A 149 24.36 -3.29 -9.33
CA PRO A 149 23.36 -2.89 -10.32
C PRO A 149 22.06 -3.63 -10.06
N ILE A 150 20.96 -3.08 -10.60
CA ILE A 150 19.65 -3.67 -10.34
C ILE A 150 19.57 -5.10 -10.84
N GLU A 151 20.30 -5.42 -11.92
CA GLU A 151 20.29 -6.79 -12.43
C GLU A 151 20.88 -7.77 -11.44
N LYS A 152 21.72 -7.31 -10.50
CA LYS A 152 22.30 -8.16 -9.48
C LYS A 152 21.66 -7.96 -8.12
N LEU A 153 20.44 -7.43 -8.07
CA LEU A 153 19.73 -7.36 -6.81
C LEU A 153 19.58 -8.77 -6.24
N PRO A 154 19.93 -9.00 -4.98
CA PRO A 154 19.77 -10.35 -4.40
C PRO A 154 18.32 -10.78 -4.39
N GLU A 155 18.10 -12.05 -4.73
CA GLU A 155 16.75 -12.60 -4.82
C GLU A 155 16.19 -13.01 -3.48
N LEU A 156 16.97 -12.90 -2.40
CA LEU A 156 16.47 -13.08 -1.04
C LEU A 156 16.65 -11.79 -0.26
N PHE A 157 15.60 -11.41 0.49
CA PHE A 157 15.62 -10.16 1.25
C PHE A 157 16.78 -10.12 2.24
N THR A 158 17.05 -11.22 2.95
CA THR A 158 18.12 -11.18 3.94
C THR A 158 19.45 -10.78 3.30
N ASN A 159 19.71 -11.25 2.07
CA ASN A 159 20.95 -10.90 1.39
C ASN A 159 20.92 -9.45 0.92
N PHE A 160 19.77 -8.97 0.45
CA PHE A 160 19.63 -7.56 0.14
C PHE A 160 19.91 -6.71 1.37
N ARG A 161 19.30 -7.07 2.50
CA ARG A 161 19.45 -6.27 3.71
C ARG A 161 20.89 -6.27 4.21
N LYS A 162 21.53 -7.44 4.23
CA LYS A 162 22.92 -7.49 4.69
C LYS A 162 23.80 -6.59 3.85
N GLN A 163 23.64 -6.63 2.52
CA GLN A 163 24.54 -5.90 1.65
C GLN A 163 24.29 -4.40 1.72
N VAL A 164 23.03 -3.95 1.75
CA VAL A 164 22.81 -2.51 1.78
C VAL A 164 23.19 -1.94 3.14
N GLU A 165 22.90 -2.67 4.23
CA GLU A 165 23.23 -2.13 5.53
C GLU A 165 24.74 -2.10 5.75
N GLN A 166 25.48 -3.00 5.09
CA GLN A 166 26.93 -3.01 5.23
C GLN A 166 27.59 -1.96 4.34
N LYS A 167 27.10 -1.79 3.10
CA LYS A 167 27.85 -1.06 2.09
C LYS A 167 27.20 0.22 1.61
N SER A 168 25.94 0.48 1.94
CA SER A 168 25.23 1.61 1.38
C SER A 168 24.89 2.62 2.47
N VAL A 169 24.60 3.85 2.05
CA VAL A 169 24.27 4.93 2.96
C VAL A 169 22.86 5.44 2.63
N ILE A 170 22.12 5.75 3.68
CA ILE A 170 20.86 6.48 3.59
C ILE A 170 21.16 7.95 3.81
N TYR A 171 20.68 8.79 2.91
CA TYR A 171 20.99 10.21 3.00
C TYR A 171 19.86 10.98 3.66
N PRO A 172 20.14 12.15 4.22
CA PRO A 172 19.08 12.94 4.84
C PRO A 172 18.09 13.43 3.81
N PRO A 173 16.84 13.69 4.22
CA PRO A 173 15.85 14.21 3.27
C PRO A 173 16.20 15.64 2.83
N TYR A 174 15.79 15.96 1.61
CA TYR A 174 15.86 17.35 1.18
C TYR A 174 14.91 18.18 2.03
N THR A 175 15.32 19.42 2.31
CA THR A 175 14.47 20.34 3.06
C THR A 175 13.59 21.13 2.09
N PRO A 176 12.31 21.30 2.40
CA PRO A 176 11.41 21.94 1.45
C PRO A 176 11.73 23.42 1.32
N PRO A 177 11.40 24.03 0.19
CA PRO A 177 11.61 25.47 0.04
C PRO A 177 10.55 26.23 0.83
N ASN A 178 10.89 27.46 1.22
CA ASN A 178 9.92 28.28 1.96
C ASN A 178 9.38 29.43 1.13
N GLN A 179 9.74 29.51 -0.14
CA GLN A 179 9.23 30.54 -1.04
C GLN A 179 9.41 30.05 -2.46
N LEU A 180 8.41 30.31 -3.29
CA LEU A 180 8.44 29.93 -4.70
C LEU A 180 8.02 31.12 -5.55
N PRO A 181 8.41 31.14 -6.83
CA PRO A 181 7.95 32.19 -7.72
C PRO A 181 6.44 32.13 -7.95
N GLN A 182 5.90 33.26 -8.40
CA GLN A 182 4.46 33.40 -8.53
C GLN A 182 3.89 32.40 -9.53
N PHE A 183 2.71 31.86 -9.20
CA PHE A 183 1.98 30.94 -10.05
C PHE A 183 1.49 31.67 -11.31
N PRO A 184 1.45 30.99 -12.45
CA PRO A 184 0.96 31.65 -13.66
C PRO A 184 -0.49 32.08 -13.53
N ASP A 185 -0.86 33.10 -14.32
CA ASP A 185 -2.19 33.69 -14.29
C ASP A 185 -3.16 32.88 -15.15
N ILE A 186 -3.38 31.63 -14.73
CA ILE A 186 -4.24 30.69 -15.44
C ILE A 186 -5.19 30.04 -14.46
N GLU A 187 -6.23 29.41 -15.01
CA GLU A 187 -7.23 28.73 -14.18
C GLU A 187 -6.56 27.65 -13.33
N PRO A 188 -6.69 27.68 -12.01
CA PRO A 188 -5.95 26.71 -11.18
C PRO A 188 -6.44 25.28 -11.37
N GLY A 189 -7.74 25.09 -11.57
CA GLY A 189 -8.29 23.75 -11.73
C GLY A 189 -9.04 23.32 -10.50
N GLU A 190 -10.25 22.80 -10.70
CA GLU A 190 -11.04 22.26 -9.61
C GLU A 190 -10.54 20.88 -9.21
N ILE A 191 -10.37 20.65 -7.91
CA ILE A 191 -10.11 19.29 -7.45
C ILE A 191 -11.45 18.57 -7.43
N PRO A 192 -11.61 17.47 -8.17
CA PRO A 192 -12.94 16.87 -8.30
C PRO A 192 -13.37 16.18 -7.01
N THR A 193 -14.68 15.98 -6.91
CA THR A 193 -15.25 15.17 -5.85
C THR A 193 -15.22 13.69 -6.23
N LEU A 194 -15.45 12.83 -5.23
CA LEU A 194 -15.58 11.41 -5.53
C LEU A 194 -16.69 11.18 -6.56
N THR A 195 -17.80 11.91 -6.43
CA THR A 195 -18.89 11.82 -7.41
C THR A 195 -18.40 12.12 -8.81
N GLU A 196 -17.61 13.18 -8.96
CA GLU A 196 -17.14 13.58 -10.28
C GLU A 196 -16.14 12.57 -10.86
N LEU A 197 -15.44 11.84 -10.01
CA LEU A 197 -14.54 10.80 -10.48
C LEU A 197 -15.25 9.47 -10.72
N GLY A 198 -16.52 9.35 -10.32
CA GLY A 198 -17.23 8.10 -10.47
C GLY A 198 -16.96 7.08 -9.39
N ILE A 199 -16.49 7.52 -8.22
CA ILE A 199 -16.13 6.61 -7.13
C ILE A 199 -17.22 6.66 -6.07
N THR A 200 -17.67 5.49 -5.63
CA THR A 200 -18.66 5.43 -4.56
C THR A 200 -18.05 5.88 -3.24
N PRO A 201 -18.61 6.89 -2.58
CA PRO A 201 -18.11 7.25 -1.24
C PRO A 201 -18.42 6.18 -0.23
N ALA A 202 -17.48 5.96 0.69
CA ALA A 202 -17.65 4.97 1.74
C ALA A 202 -18.03 5.65 3.03
N PRO A 203 -19.14 5.29 3.67
CA PRO A 203 -19.46 5.89 4.97
C PRO A 203 -18.39 5.55 5.99
N PHE A 204 -18.15 6.48 6.91
CA PHE A 204 -17.15 6.24 7.94
C PHE A 204 -17.67 5.21 8.94
N ASP A 205 -16.84 4.22 9.23
CA ASP A 205 -17.10 3.26 10.28
C ASP A 205 -16.22 3.64 11.46
N GLU A 206 -16.86 3.93 12.60
CA GLU A 206 -16.11 4.42 13.77
C GLU A 206 -15.08 3.42 14.27
N ARG A 207 -15.14 2.16 13.83
CA ARG A 207 -14.14 1.21 14.26
C ARG A 207 -12.86 1.30 13.45
N SER A 208 -12.81 2.16 12.44
CA SER A 208 -11.57 2.39 11.69
C SER A 208 -10.42 2.68 12.66
N VAL A 209 -9.27 2.04 12.43
CA VAL A 209 -8.16 2.20 13.37
C VAL A 209 -7.74 3.66 13.49
N LEU A 210 -7.85 4.42 12.38
CA LEU A 210 -7.70 5.87 12.39
C LEU A 210 -8.80 6.48 11.55
N ASP A 211 -9.18 7.72 11.87
CA ASP A 211 -9.93 8.53 10.94
C ASP A 211 -8.89 9.15 10.00
N PHE A 212 -8.46 8.32 9.03
CA PHE A 212 -7.35 8.68 8.17
C PHE A 212 -7.65 9.98 7.43
N ALA A 213 -6.67 10.88 7.42
CA ALA A 213 -6.79 12.12 6.68
C ALA A 213 -5.62 12.25 5.73
N GLY A 214 -5.92 12.43 4.44
CA GLY A 214 -4.85 12.54 3.45
C GLY A 214 -4.05 13.81 3.60
N GLY A 215 -2.82 13.76 3.09
CA GLY A 215 -1.98 14.94 3.05
C GLY A 215 -0.68 14.85 3.82
N GLU A 216 0.34 15.53 3.30
CA GLU A 216 1.62 15.66 3.99
C GLU A 216 1.43 16.22 5.39
N THR A 217 0.57 17.24 5.53
CA THR A 217 0.38 17.84 6.85
C THR A 217 -0.10 16.80 7.87
N ALA A 218 -1.10 16.00 7.48
CA ALA A 218 -1.64 15.00 8.39
C ALA A 218 -0.64 13.86 8.62
N GLY A 219 0.12 13.50 7.60
CA GLY A 219 1.10 12.42 7.77
C GLY A 219 2.23 12.82 8.70
N LEU A 220 2.75 14.03 8.54
CA LEU A 220 3.75 14.52 9.48
C LEU A 220 3.21 14.55 10.90
N SER A 221 1.95 14.95 11.04
CA SER A 221 1.34 15.00 12.37
C SER A 221 1.17 13.61 12.95
N ARG A 222 0.85 12.62 12.11
CA ARG A 222 0.71 11.26 12.62
C ARG A 222 2.05 10.73 13.14
N LEU A 223 3.14 11.04 12.44
CA LEU A 223 4.43 10.62 12.98
C LEU A 223 4.71 11.34 14.30
N ASN A 224 4.38 12.63 14.37
CA ASN A 224 4.54 13.36 15.62
C ASN A 224 3.75 12.71 16.75
N ASP A 225 2.52 12.24 16.45
CA ASP A 225 1.74 11.54 17.48
C ASP A 225 2.41 10.24 17.89
N TYR A 226 2.79 9.41 16.91
CA TYR A 226 3.20 8.04 17.19
C TYR A 226 4.61 7.98 17.80
N PHE A 227 5.54 8.78 17.29
CA PHE A 227 6.90 8.82 17.83
C PHE A 227 6.96 9.65 19.11
N TRP A 228 6.56 10.92 19.01
CA TRP A 228 6.97 11.92 19.99
C TRP A 228 5.92 12.16 21.08
N ARG A 229 4.68 12.47 20.71
CA ARG A 229 3.70 12.81 21.73
C ARG A 229 3.33 11.58 22.57
N ARG A 230 3.21 10.42 21.93
CA ARG A 230 2.76 9.20 22.60
C ARG A 230 3.88 8.21 22.89
N ASP A 231 5.08 8.42 22.34
CA ASP A 231 6.27 7.64 22.68
C ASP A 231 6.07 6.14 22.40
N CYS A 232 5.44 5.82 21.27
CA CYS A 232 5.12 4.44 20.97
C CYS A 232 6.25 3.68 20.30
N LEU A 233 7.16 4.37 19.59
CA LEU A 233 8.11 3.65 18.74
C LEU A 233 8.93 2.66 19.54
N LYS A 234 9.25 2.98 20.80
CA LYS A 234 10.07 2.12 21.64
C LYS A 234 9.44 0.74 21.85
N ASN A 235 8.14 0.59 21.60
CA ASN A 235 7.43 -0.67 21.77
C ASN A 235 7.01 -1.31 20.46
N TYR A 236 7.39 -0.72 19.32
CA TYR A 236 6.83 -1.13 18.03
C TYR A 236 6.97 -2.62 17.78
N LYS A 237 8.14 -3.20 18.08
CA LYS A 237 8.31 -4.61 17.75
C LYS A 237 7.37 -5.49 18.57
N GLN A 238 7.02 -5.06 19.78
CA GLN A 238 6.16 -5.87 20.64
C GLN A 238 4.69 -5.74 20.28
N THR A 239 4.30 -4.62 19.67
CA THR A 239 2.89 -4.34 19.42
C THR A 239 2.46 -4.55 17.98
N ARG A 240 3.40 -4.71 17.03
CA ARG A 240 3.10 -4.58 15.60
C ARG A 240 2.24 -5.72 15.05
N ASN A 241 2.05 -6.81 15.79
CA ASN A 241 1.11 -7.84 15.37
C ASN A 241 -0.27 -7.65 15.97
N GLY A 242 -0.52 -6.51 16.59
CA GLY A 242 -1.87 -6.21 17.05
C GLY A 242 -2.83 -5.95 15.90
N MET A 243 -4.11 -5.92 16.25
CA MET A 243 -5.15 -5.68 15.26
C MET A 243 -6.22 -4.71 15.74
N LEU A 244 -6.15 -4.27 17.00
CA LEU A 244 -7.09 -3.27 17.54
C LEU A 244 -6.33 -2.04 17.97
N GLY A 245 -6.94 -0.88 17.73
CA GLY A 245 -6.39 0.37 18.22
C GLY A 245 -5.50 1.05 17.20
N SER A 246 -5.32 2.35 17.37
CA SER A 246 -4.53 3.07 16.38
C SER A 246 -3.04 2.83 16.53
N ASP A 247 -2.55 2.54 17.73
CA ASP A 247 -1.12 2.69 17.96
C ASP A 247 -0.38 1.35 18.12
N TYR A 248 -0.96 0.24 17.67
CA TYR A 248 -0.17 -0.98 17.63
C TYR A 248 0.92 -0.91 16.57
N SER A 249 0.80 0.02 15.62
CA SER A 249 1.80 0.20 14.58
C SER A 249 1.72 1.65 14.12
N SER A 250 2.60 2.03 13.19
CA SER A 250 2.71 3.44 12.85
C SER A 250 1.49 3.95 12.11
N LYS A 251 0.84 3.10 11.32
CA LYS A 251 -0.21 3.50 10.38
C LYS A 251 0.30 4.54 9.37
N PHE A 252 1.61 4.54 9.10
CA PHE A 252 2.14 5.47 8.11
C PHE A 252 1.80 5.06 6.68
N SER A 253 1.31 3.82 6.47
CA SER A 253 1.28 3.28 5.11
C SER A 253 0.50 4.10 4.09
N PRO A 254 -0.68 4.67 4.36
CA PRO A 254 -1.36 5.38 3.26
C PRO A 254 -0.61 6.64 2.85
N TRP A 255 0.11 7.26 3.79
CA TRP A 255 0.90 8.43 3.45
C TRP A 255 2.19 8.06 2.74
N LEU A 256 2.79 6.91 3.07
CA LEU A 256 3.94 6.48 2.29
C LEU A 256 3.54 6.08 0.88
N ALA A 257 2.35 5.48 0.72
CA ALA A 257 1.99 4.90 -0.57
C ALA A 257 1.74 5.96 -1.64
N ASN A 258 1.20 7.12 -1.26
CA ASN A 258 1.04 8.18 -2.25
C ASN A 258 2.06 9.30 -2.05
N GLY A 259 3.09 9.06 -1.26
CA GLY A 259 4.20 9.98 -1.17
C GLY A 259 4.00 11.21 -0.31
N CYS A 260 2.91 11.28 0.47
CA CYS A 260 2.78 12.35 1.46
C CYS A 260 3.90 12.34 2.48
N LEU A 261 4.43 11.16 2.79
CA LEU A 261 5.62 11.00 3.61
C LEU A 261 6.73 10.35 2.79
N SER A 262 7.96 10.82 3.00
CA SER A 262 9.14 10.16 2.45
C SER A 262 9.72 9.18 3.47
N PRO A 263 10.13 7.99 3.06
CA PRO A 263 10.77 7.08 4.02
C PRO A 263 12.05 7.66 4.59
N ARG A 264 12.74 8.52 3.83
CA ARG A 264 13.96 9.11 4.35
C ARG A 264 13.68 10.15 5.43
N TRP A 265 12.52 10.80 5.38
CA TRP A 265 12.12 11.68 6.46
C TRP A 265 11.79 10.87 7.70
N ILE A 266 11.02 9.78 7.53
CA ILE A 266 10.72 8.88 8.66
C ILE A 266 12.02 8.38 9.27
N TYR A 267 12.96 7.96 8.42
CA TYR A 267 14.22 7.41 8.92
C TYR A 267 14.99 8.43 9.74
N GLN A 268 15.05 9.68 9.27
CA GLN A 268 15.70 10.73 10.03
C GLN A 268 15.03 10.90 11.39
N GLN A 269 13.70 10.79 11.44
CA GLN A 269 13.01 10.90 12.71
C GLN A 269 13.29 9.71 13.61
N VAL A 270 13.48 8.52 13.02
CA VAL A 270 13.87 7.37 13.82
C VAL A 270 15.26 7.59 14.40
N GLN A 271 16.18 8.11 13.59
CA GLN A 271 17.51 8.38 14.11
C GLN A 271 17.46 9.37 15.26
N ASP A 272 16.63 10.42 15.12
CA ASP A 272 16.46 11.38 16.22
C ASP A 272 15.90 10.69 17.46
N TYR A 273 14.89 9.84 17.27
CA TYR A 273 14.29 9.14 18.41
C TYR A 273 15.31 8.24 19.10
N GLN A 274 16.15 7.56 18.32
CA GLN A 274 17.17 6.68 18.90
C GLN A 274 18.22 7.49 19.66
N HIS A 275 18.51 8.72 19.19
CA HIS A 275 19.48 9.57 19.87
C HIS A 275 18.90 10.20 21.12
N GLN A 276 17.59 10.50 21.12
CA GLN A 276 16.96 11.29 22.17
C GLN A 276 16.17 10.47 23.18
N ARG A 277 15.74 9.26 22.84
CA ARG A 277 14.90 8.49 23.75
C ARG A 277 15.45 7.08 23.99
N VAL A 278 15.34 6.19 23.01
CA VAL A 278 15.89 4.85 23.18
C VAL A 278 16.21 4.26 21.82
N LYS A 279 17.26 3.46 21.78
CA LYS A 279 17.62 2.65 20.62
C LYS A 279 17.49 1.18 21.04
N ASN A 280 16.57 0.47 20.40
CA ASN A 280 16.35 -0.93 20.76
C ASN A 280 15.90 -1.71 19.52
N ASP A 281 15.40 -2.92 19.76
CA ASP A 281 14.95 -3.76 18.66
C ASP A 281 13.74 -3.14 17.96
N SER A 282 12.95 -2.34 18.69
CA SER A 282 11.73 -1.78 18.11
C SER A 282 12.03 -0.61 17.17
N THR A 283 12.97 0.26 17.55
CA THR A 283 13.30 1.36 16.64
C THR A 283 13.96 0.83 15.38
N TYR A 284 14.78 -0.22 15.50
CA TYR A 284 15.30 -0.84 14.30
C TYR A 284 14.20 -1.51 13.48
N TRP A 285 13.23 -2.15 14.14
CA TRP A 285 12.29 -2.97 13.40
C TRP A 285 11.39 -2.14 12.49
N LEU A 286 11.10 -0.89 12.87
CA LEU A 286 10.34 -0.04 11.96
C LEU A 286 11.13 0.22 10.69
N VAL A 287 12.44 0.46 10.83
CA VAL A 287 13.28 0.63 9.66
C VAL A 287 13.36 -0.67 8.88
N PHE A 288 13.44 -1.80 9.60
CA PHE A 288 13.43 -3.12 8.96
C PHE A 288 12.21 -3.28 8.05
N GLU A 289 11.03 -2.82 8.49
CA GLU A 289 9.86 -2.93 7.63
C GLU A 289 9.90 -1.94 6.47
N LEU A 290 10.47 -0.74 6.68
CA LEU A 290 10.70 0.13 5.54
C LEU A 290 11.66 -0.52 4.54
N LEU A 291 12.59 -1.35 5.02
CA LEU A 291 13.50 -2.04 4.12
C LEU A 291 12.74 -3.06 3.25
N TRP A 292 11.75 -3.74 3.83
CA TRP A 292 10.91 -4.62 3.03
C TRP A 292 10.20 -3.84 1.94
N ARG A 293 9.72 -2.64 2.28
CA ARG A 293 9.10 -1.76 1.28
C ARG A 293 10.07 -1.42 0.16
N ASP A 294 11.30 -1.02 0.51
CA ASP A 294 12.34 -0.82 -0.51
C ASP A 294 12.50 -2.06 -1.39
N TYR A 295 12.61 -3.22 -0.75
CA TYR A 295 12.95 -4.43 -1.46
C TYR A 295 11.88 -4.80 -2.49
N PHE A 296 10.60 -4.69 -2.12
CA PHE A 296 9.58 -5.02 -3.10
C PHE A 296 9.61 -4.06 -4.28
N ARG A 297 9.93 -2.78 -4.02
CA ARG A 297 10.01 -1.84 -5.13
C ARG A 297 11.20 -2.18 -6.03
N PHE A 298 12.33 -2.55 -5.45
CA PHE A 298 13.47 -2.92 -6.27
C PHE A 298 13.22 -4.24 -7.00
N ILE A 299 12.54 -5.18 -6.36
CA ILE A 299 12.19 -6.43 -7.01
C ILE A 299 11.32 -6.15 -8.24
N CYS A 300 10.38 -5.21 -8.12
CA CYS A 300 9.52 -4.90 -9.26
C CYS A 300 10.31 -4.19 -10.34
N LEU A 301 11.26 -3.34 -9.96
CA LEU A 301 12.14 -2.74 -10.96
C LEU A 301 12.90 -3.82 -11.74
N LYS A 302 13.52 -4.76 -11.01
CA LYS A 302 14.34 -5.78 -11.66
C LYS A 302 13.52 -6.70 -12.56
N HIS A 303 12.37 -7.18 -12.06
CA HIS A 303 11.64 -8.23 -12.73
C HIS A 303 10.55 -7.72 -13.66
N GLY A 304 10.25 -6.43 -13.63
CA GLY A 304 9.29 -5.86 -14.55
C GLY A 304 7.92 -6.49 -14.38
N PRO A 305 7.24 -6.77 -15.51
CA PRO A 305 5.82 -7.15 -15.41
C PRO A 305 5.58 -8.55 -14.87
N LYS A 306 6.64 -9.35 -14.65
CA LYS A 306 6.47 -10.71 -14.13
C LYS A 306 5.70 -10.72 -12.82
N VAL A 307 5.82 -9.67 -12.01
CA VAL A 307 5.10 -9.61 -10.73
C VAL A 307 3.59 -9.63 -10.93
N PHE A 308 3.12 -9.29 -12.13
CA PHE A 308 1.70 -9.31 -12.43
C PHE A 308 1.24 -10.57 -13.14
N TYR A 309 2.17 -11.37 -13.67
CA TYR A 309 1.80 -12.61 -14.34
C TYR A 309 1.26 -13.60 -13.31
N LYS A 310 0.27 -14.40 -13.73
CA LYS A 310 -0.28 -15.39 -12.80
C LYS A 310 0.80 -16.33 -12.30
N SER A 311 1.78 -16.66 -13.15
CA SER A 311 2.88 -17.51 -12.72
C SER A 311 3.89 -16.76 -11.85
N GLY A 312 3.76 -15.44 -11.72
CA GLY A 312 4.52 -14.67 -10.76
C GLY A 312 6.00 -14.53 -11.06
N LEU A 313 6.68 -13.94 -10.08
CA LEU A 313 8.12 -13.73 -10.19
C LEU A 313 8.87 -15.02 -10.47
N GLN A 314 8.39 -16.13 -9.89
CA GLN A 314 9.07 -17.41 -9.98
C GLN A 314 8.72 -18.19 -11.25
N GLY A 315 7.66 -17.79 -11.95
CA GLY A 315 7.29 -18.50 -13.16
C GLY A 315 6.79 -19.91 -12.92
N VAL A 316 5.95 -20.10 -11.91
CA VAL A 316 5.38 -21.39 -11.57
C VAL A 316 3.94 -21.41 -12.05
N LYS A 317 3.67 -22.21 -13.07
CA LYS A 317 2.31 -22.36 -13.59
C LYS A 317 1.52 -23.28 -12.66
N ILE A 318 0.47 -22.72 -12.06
CA ILE A 318 -0.34 -23.41 -11.07
C ILE A 318 -1.79 -23.36 -11.56
N PRO A 319 -2.55 -24.45 -11.48
CA PRO A 319 -3.97 -24.40 -11.91
C PRO A 319 -4.87 -23.78 -10.86
N TRP A 320 -4.65 -22.49 -10.61
CA TRP A 320 -5.42 -21.76 -9.61
C TRP A 320 -6.91 -21.80 -9.95
N GLY A 321 -7.75 -21.92 -8.91
CA GLY A 321 -9.18 -21.81 -9.10
C GLY A 321 -9.64 -20.37 -9.19
N GLU A 322 -10.77 -20.17 -9.87
CA GLU A 322 -11.38 -18.84 -9.98
C GLU A 322 -12.88 -18.90 -9.76
N ASN A 323 -13.32 -19.78 -8.88
CA ASN A 323 -14.76 -19.86 -8.58
C ASN A 323 -15.24 -18.58 -7.93
N TRP A 324 -16.17 -17.90 -8.62
CA TRP A 324 -16.62 -16.58 -8.18
C TRP A 324 -17.39 -16.66 -6.88
N GLU A 325 -18.20 -17.71 -6.70
CA GLU A 325 -19.00 -17.81 -5.49
C GLU A 325 -18.13 -17.95 -4.26
N GLN A 326 -17.07 -18.78 -4.35
CA GLN A 326 -16.15 -18.94 -3.24
C GLN A 326 -15.34 -17.67 -3.02
N TRP A 327 -14.91 -17.02 -4.10
CA TRP A 327 -14.19 -15.77 -3.93
C TRP A 327 -15.06 -14.74 -3.23
N GLN A 328 -16.34 -14.66 -3.59
CA GLN A 328 -17.24 -13.69 -2.98
C GLN A 328 -17.39 -13.95 -1.48
N ILE A 329 -17.42 -15.22 -1.09
CA ILE A 329 -17.52 -15.57 0.32
C ILE A 329 -16.31 -15.04 1.10
N TRP A 330 -15.11 -15.18 0.52
CA TRP A 330 -13.91 -14.61 1.12
C TRP A 330 -14.00 -13.10 1.19
N CYS A 331 -14.37 -12.46 0.09
CA CYS A 331 -14.47 -11.01 0.02
C CYS A 331 -15.43 -10.46 1.09
N GLN A 332 -16.54 -11.15 1.30
CA GLN A 332 -17.56 -10.69 2.23
C GLN A 332 -17.30 -11.16 3.67
N GLY A 333 -16.24 -11.92 3.91
CA GLY A 333 -15.97 -12.39 5.25
C GLY A 333 -17.07 -13.30 5.75
N LEU A 334 -17.45 -14.28 4.92
CA LEU A 334 -18.46 -15.29 5.26
C LEU A 334 -17.87 -16.69 5.23
N THR A 335 -16.56 -16.81 5.50
CA THR A 335 -15.86 -18.08 5.42
C THR A 335 -16.17 -19.01 6.59
N GLY A 336 -16.68 -18.47 7.69
CA GLY A 336 -16.88 -19.26 8.88
C GLY A 336 -15.69 -19.32 9.82
N PHE A 337 -14.58 -18.67 9.46
CA PHE A 337 -13.41 -18.60 10.33
C PHE A 337 -13.30 -17.16 10.85
N PRO A 338 -13.55 -16.92 12.14
CA PRO A 338 -13.67 -15.53 12.59
C PRO A 338 -12.45 -14.66 12.31
N LEU A 339 -11.23 -15.19 12.43
CA LEU A 339 -10.07 -14.32 12.18
C LEU A 339 -10.07 -13.83 10.74
N VAL A 340 -10.40 -14.72 9.80
CA VAL A 340 -10.46 -14.31 8.39
C VAL A 340 -11.63 -13.35 8.16
N ASP A 341 -12.80 -13.70 8.68
CA ASP A 341 -13.99 -12.91 8.40
C ASP A 341 -13.91 -11.52 9.01
N ALA A 342 -13.43 -11.42 10.25
CA ALA A 342 -13.28 -10.10 10.87
C ALA A 342 -12.34 -9.22 10.05
N ASN A 343 -11.21 -9.78 9.60
CA ASN A 343 -10.28 -9.00 8.81
C ASN A 343 -10.87 -8.56 7.47
N MET A 344 -11.56 -9.47 6.77
CA MET A 344 -12.15 -9.06 5.49
C MET A 344 -13.23 -8.00 5.69
N ARG A 345 -13.99 -8.07 6.79
CA ARG A 345 -15.02 -7.07 7.01
C ARG A 345 -14.42 -5.76 7.48
N GLU A 346 -13.33 -5.80 8.25
CA GLU A 346 -12.63 -4.56 8.59
C GLU A 346 -12.15 -3.86 7.32
N LEU A 347 -11.56 -4.63 6.38
CA LEU A 347 -11.10 -4.06 5.13
C LEU A 347 -12.26 -3.42 4.36
N ALA A 348 -13.39 -4.15 4.25
CA ALA A 348 -14.50 -3.61 3.47
C ALA A 348 -15.12 -2.37 4.10
N ALA A 349 -15.01 -2.23 5.42
CA ALA A 349 -15.63 -1.10 6.12
C ALA A 349 -14.70 0.10 6.28
N THR A 350 -13.39 -0.10 6.18
CA THR A 350 -12.44 0.95 6.55
C THR A 350 -11.35 1.20 5.54
N GLY A 351 -11.12 0.28 4.60
CA GLY A 351 -9.98 0.37 3.71
C GLY A 351 -8.65 -0.02 4.32
N PHE A 352 -8.62 -0.46 5.58
CA PHE A 352 -7.38 -0.84 6.23
C PHE A 352 -7.50 -2.24 6.81
N MET A 353 -6.36 -2.93 6.89
CA MET A 353 -6.23 -4.22 7.55
C MET A 353 -4.83 -4.27 8.14
N SER A 354 -4.71 -4.80 9.36
CA SER A 354 -3.39 -4.98 9.95
C SER A 354 -2.52 -5.89 9.09
N ASN A 355 -1.20 -5.74 9.25
CA ASN A 355 -0.27 -6.65 8.57
C ASN A 355 -0.53 -8.11 8.95
N ARG A 356 -0.74 -8.38 10.24
CA ARG A 356 -1.04 -9.74 10.66
C ARG A 356 -2.30 -10.26 9.96
N GLY A 357 -3.33 -9.41 9.84
CA GLY A 357 -4.53 -9.83 9.14
C GLY A 357 -4.28 -10.09 7.65
N ARG A 358 -3.54 -9.19 6.99
CA ARG A 358 -3.27 -9.37 5.56
C ARG A 358 -2.56 -10.70 5.29
N GLN A 359 -1.57 -11.05 6.11
CA GLN A 359 -0.91 -12.33 5.95
C GLN A 359 -1.89 -13.48 6.06
N ASN A 360 -2.80 -13.41 7.02
CA ASN A 360 -3.73 -14.52 7.26
C ASN A 360 -4.77 -14.63 6.15
N VAL A 361 -5.39 -13.50 5.74
CA VAL A 361 -6.44 -13.63 4.75
C VAL A 361 -5.87 -14.00 3.39
N ALA A 362 -4.64 -13.56 3.09
CA ALA A 362 -4.05 -13.91 1.80
C ALA A 362 -3.65 -15.37 1.78
N SER A 363 -3.16 -15.87 2.91
CA SER A 363 -2.88 -17.29 3.03
C SER A 363 -4.16 -18.10 2.91
N PHE A 364 -5.24 -17.63 3.54
CA PHE A 364 -6.48 -18.39 3.46
C PHE A 364 -6.97 -18.51 2.02
N LEU A 365 -6.94 -17.42 1.26
CA LEU A 365 -7.41 -17.45 -0.12
C LEU A 365 -6.61 -18.45 -0.94
N THR A 366 -5.30 -18.47 -0.77
CA THR A 366 -4.45 -19.25 -1.68
C THR A 366 -4.16 -20.65 -1.16
N LYS A 367 -3.97 -20.82 0.16
CA LYS A 367 -3.63 -22.14 0.71
C LYS A 367 -4.83 -22.95 1.15
N ASN A 368 -5.92 -22.30 1.54
CA ASN A 368 -7.13 -23.03 1.92
C ASN A 368 -8.15 -23.10 0.79
N LEU A 369 -8.42 -21.99 0.12
CA LEU A 369 -9.37 -22.04 -0.99
C LEU A 369 -8.71 -22.38 -2.32
N GLY A 370 -7.39 -22.24 -2.42
CA GLY A 370 -6.70 -22.47 -3.68
C GLY A 370 -7.10 -21.55 -4.81
N ILE A 371 -7.58 -20.35 -4.49
CA ILE A 371 -8.07 -19.43 -5.50
C ILE A 371 -6.95 -18.53 -5.98
N ASN A 372 -6.94 -18.24 -7.28
CA ASN A 372 -5.97 -17.36 -7.93
C ASN A 372 -5.65 -16.14 -7.08
N TRP A 373 -4.38 -16.04 -6.70
CA TRP A 373 -3.91 -14.93 -5.89
C TRP A 373 -4.17 -13.58 -6.56
N GLN A 374 -4.19 -13.54 -7.88
CA GLN A 374 -4.46 -12.27 -8.57
C GLN A 374 -5.81 -11.69 -8.19
N MET A 375 -6.80 -12.55 -7.91
CA MET A 375 -8.11 -12.05 -7.52
C MET A 375 -8.04 -11.35 -6.17
N GLY A 376 -7.23 -11.88 -5.25
CA GLY A 376 -7.03 -11.19 -4.00
C GLY A 376 -6.22 -9.91 -4.17
N ALA A 377 -5.15 -9.98 -4.97
CA ALA A 377 -4.32 -8.81 -5.18
C ALA A 377 -5.13 -7.65 -5.75
N GLU A 378 -6.04 -7.95 -6.70
CA GLU A 378 -6.85 -6.88 -7.30
C GLU A 378 -7.89 -6.35 -6.35
N TRP A 379 -8.46 -7.21 -5.48
CA TRP A 379 -9.39 -6.72 -4.47
C TRP A 379 -8.68 -5.77 -3.50
N PHE A 380 -7.50 -6.17 -3.03
CA PHE A 380 -6.69 -5.28 -2.21
C PHE A 380 -6.38 -3.98 -2.96
N GLU A 381 -6.04 -4.08 -4.25
CA GLU A 381 -5.77 -2.87 -5.03
C GLU A 381 -6.97 -1.93 -5.01
N SER A 382 -8.18 -2.49 -5.15
CA SER A 382 -9.38 -1.66 -5.18
C SER A 382 -9.63 -0.98 -3.84
N VAL A 383 -9.53 -1.73 -2.74
CA VAL A 383 -10.12 -1.31 -1.47
C VAL A 383 -9.10 -0.67 -0.54
N LEU A 384 -7.82 -1.08 -0.61
CA LEU A 384 -6.86 -0.60 0.40
C LEU A 384 -6.64 0.91 0.34
N ILE A 385 -6.73 1.56 1.51
CA ILE A 385 -6.45 2.99 1.59
C ILE A 385 -4.98 3.26 1.33
N ASP A 386 -4.14 2.23 1.51
CA ASP A 386 -2.70 2.36 1.39
C ASP A 386 -2.12 1.56 0.23
N TYR A 387 -2.92 1.27 -0.80
CA TYR A 387 -2.42 0.51 -1.94
C TYR A 387 -1.10 1.08 -2.46
N ASP A 388 -0.10 0.22 -2.48
CA ASP A 388 1.19 0.49 -3.10
C ASP A 388 1.42 -0.66 -4.05
N VAL A 389 1.55 -0.36 -5.36
CA VAL A 389 1.58 -1.44 -6.34
C VAL A 389 2.67 -2.45 -6.03
N CYS A 390 3.87 -1.99 -5.66
CA CYS A 390 4.98 -2.92 -5.44
C CYS A 390 4.78 -3.71 -4.16
N SER A 391 4.38 -3.05 -3.08
CA SER A 391 4.21 -3.77 -1.83
C SER A 391 3.05 -4.74 -1.91
N ASN A 392 1.96 -4.34 -2.55
CA ASN A 392 0.81 -5.23 -2.64
C ASN A 392 1.10 -6.41 -3.55
N TRP A 393 1.52 -6.15 -4.78
CA TRP A 393 1.71 -7.26 -5.71
C TRP A 393 2.92 -8.10 -5.33
N GLY A 394 3.97 -7.48 -4.77
CA GLY A 394 5.09 -8.25 -4.24
C GLY A 394 4.67 -9.17 -3.09
N ASN A 395 3.92 -8.63 -2.13
CA ASN A 395 3.50 -9.47 -1.00
C ASN A 395 2.58 -10.60 -1.45
N TRP A 396 1.70 -10.34 -2.42
CA TRP A 396 0.83 -11.42 -2.88
C TRP A 396 1.61 -12.51 -3.59
N ASN A 397 2.63 -12.14 -4.40
CA ASN A 397 3.51 -13.16 -4.98
C ASN A 397 4.14 -14.01 -3.89
N TYR A 398 4.67 -13.36 -2.86
CA TYR A 398 5.33 -14.08 -1.76
C TYR A 398 4.35 -15.01 -1.05
N THR A 399 3.18 -14.50 -0.69
CA THR A 399 2.17 -15.31 -0.02
C THR A 399 1.81 -16.54 -0.85
N ALA A 400 1.63 -16.35 -2.15
CA ALA A 400 1.17 -17.43 -3.02
C ALA A 400 2.25 -18.47 -3.32
N GLY A 401 3.48 -18.25 -2.88
CA GLY A 401 4.55 -19.21 -3.15
C GLY A 401 5.21 -19.05 -4.49
N VAL A 402 5.02 -17.91 -5.16
CA VAL A 402 5.66 -17.70 -6.46
C VAL A 402 6.57 -16.48 -6.43
N GLY A 403 7.15 -16.18 -5.26
CA GLY A 403 8.02 -15.03 -5.10
C GLY A 403 9.52 -15.28 -4.97
N ASN A 404 9.99 -16.52 -5.15
CA ASN A 404 11.42 -16.84 -4.95
C ASN A 404 11.88 -16.47 -3.55
N ASP A 405 11.10 -16.81 -2.53
CA ASP A 405 11.38 -16.36 -1.18
C ASP A 405 12.18 -17.37 -0.35
N GLY A 406 12.64 -18.45 -0.96
CA GLY A 406 13.47 -19.40 -0.24
C GLY A 406 12.77 -20.24 0.80
N ARG A 407 11.45 -20.29 0.79
CA ARG A 407 10.70 -21.02 1.80
C ARG A 407 9.84 -22.14 1.24
N GLY A 408 9.65 -22.21 -0.08
CA GLY A 408 8.77 -23.24 -0.62
C GLY A 408 7.33 -23.02 -0.16
N PHE A 409 6.63 -24.13 0.07
CA PHE A 409 5.23 -24.05 0.49
C PHE A 409 5.16 -23.73 1.97
N ARG A 410 4.63 -22.55 2.29
CA ARG A 410 4.34 -22.14 3.65
C ARG A 410 2.89 -21.71 3.72
N TYR A 411 2.31 -21.82 4.91
CA TYR A 411 0.93 -21.40 5.09
C TYR A 411 0.72 -20.95 6.53
N PHE A 412 -0.33 -20.15 6.72
CA PHE A 412 -0.71 -19.68 8.04
C PHE A 412 -1.74 -20.64 8.61
N ASN A 413 -1.43 -21.19 9.77
CA ASN A 413 -2.36 -22.03 10.54
C ASN A 413 -3.37 -21.09 11.19
N ILE A 414 -4.55 -21.00 10.59
CA ILE A 414 -5.55 -20.04 11.05
C ILE A 414 -5.90 -20.26 12.51
N ALA A 415 -6.01 -21.52 12.93
CA ALA A 415 -6.36 -21.81 14.32
C ALA A 415 -5.29 -21.29 15.28
N LYS A 416 -4.02 -21.57 14.99
CA LYS A 416 -2.95 -21.12 15.88
C LYS A 416 -2.80 -19.60 15.83
N GLN A 417 -2.91 -19.01 14.65
CA GLN A 417 -2.80 -17.55 14.56
C GLN A 417 -3.89 -16.89 15.38
N SER A 418 -5.09 -17.47 15.38
CA SER A 418 -6.19 -16.91 16.16
C SER A 418 -5.87 -16.92 17.65
N GLN A 419 -5.32 -18.02 18.15
CA GLN A 419 -4.95 -18.10 19.56
C GLN A 419 -3.77 -17.19 19.90
N ASP A 420 -2.77 -17.12 19.01
CA ASP A 420 -1.57 -16.37 19.30
C ASP A 420 -1.82 -14.87 19.27
N TYR A 421 -2.67 -14.40 18.34
CA TYR A 421 -2.80 -12.96 18.11
C TYR A 421 -4.15 -12.40 18.51
N ASP A 422 -5.12 -13.23 18.87
CA ASP A 422 -6.42 -12.76 19.36
C ASP A 422 -6.91 -13.70 20.47
N PRO A 423 -6.11 -13.89 21.52
CA PRO A 423 -6.39 -14.99 22.46
C PRO A 423 -7.72 -14.85 23.19
N MET A 424 -8.15 -13.62 23.48
CA MET A 424 -9.40 -13.39 24.18
C MET A 424 -10.56 -13.13 23.24
N GLY A 425 -10.33 -13.13 21.93
CA GLY A 425 -11.39 -12.85 20.99
C GLY A 425 -11.77 -11.40 20.87
N ASP A 426 -11.02 -10.49 21.48
CA ASP A 426 -11.38 -9.08 21.43
C ASP A 426 -11.47 -8.57 20.00
N TYR A 427 -10.54 -8.99 19.14
CA TYR A 427 -10.54 -8.47 17.76
C TYR A 427 -11.72 -9.01 16.97
N VAL A 428 -11.92 -10.34 16.95
CA VAL A 428 -12.99 -10.83 16.08
C VAL A 428 -14.36 -10.37 16.58
N LYS A 429 -14.56 -10.24 17.89
CA LYS A 429 -15.87 -9.77 18.38
C LYS A 429 -16.12 -8.32 18.02
N HIS A 430 -15.05 -7.53 17.87
CA HIS A 430 -15.19 -6.12 17.51
C HIS A 430 -15.79 -5.97 16.13
N TRP A 431 -15.44 -6.88 15.22
CA TRP A 431 -15.87 -6.83 13.83
C TRP A 431 -17.01 -7.79 13.51
N LEU A 432 -17.33 -8.72 14.42
CA LEU A 432 -18.38 -9.72 14.21
C LEU A 432 -19.30 -9.69 15.43
N PRO A 433 -20.15 -8.66 15.55
CA PRO A 433 -21.00 -8.56 16.75
C PRO A 433 -21.90 -9.77 16.94
N GLU A 434 -22.22 -10.49 15.85
CA GLU A 434 -23.10 -11.65 15.97
C GLU A 434 -22.46 -12.75 16.81
N LEU A 435 -21.14 -12.71 16.99
CA LEU A 435 -20.39 -13.68 17.78
C LEU A 435 -19.99 -13.15 19.15
N ALA A 436 -20.38 -11.92 19.50
CA ALA A 436 -19.77 -11.25 20.65
C ALA A 436 -20.21 -11.85 21.99
N SER A 437 -21.27 -12.66 22.03
CA SER A 437 -21.66 -13.28 23.28
C SER A 437 -21.11 -14.69 23.45
N ILE A 438 -20.36 -15.21 22.47
CA ILE A 438 -19.66 -16.48 22.72
C ILE A 438 -18.54 -16.23 23.72
N PRO A 439 -18.38 -17.05 24.76
CA PRO A 439 -17.34 -16.77 25.76
C PRO A 439 -15.96 -16.74 25.12
N ASP A 440 -15.15 -15.78 25.59
CA ASP A 440 -13.85 -15.47 25.01
C ASP A 440 -13.08 -16.73 24.63
N GLY A 441 -12.41 -16.67 23.49
CA GLY A 441 -11.63 -17.81 23.03
C GLY A 441 -12.40 -18.87 22.28
N ARG A 442 -13.48 -19.39 22.89
CA ARG A 442 -14.39 -20.27 22.17
C ARG A 442 -14.95 -19.60 20.92
N VAL A 443 -14.86 -18.27 20.85
CA VAL A 443 -15.39 -17.52 19.73
C VAL A 443 -14.70 -17.87 18.43
N HIS A 444 -13.47 -18.42 18.47
CA HIS A 444 -12.76 -18.72 17.23
C HIS A 444 -13.22 -20.01 16.58
N SER A 445 -13.98 -20.84 17.26
CA SER A 445 -14.48 -22.11 16.71
C SER A 445 -15.98 -22.24 16.96
N PRO A 446 -16.79 -21.36 16.37
CA PRO A 446 -18.22 -21.38 16.69
C PRO A 446 -18.91 -22.66 16.24
N TRP A 447 -18.31 -23.40 15.31
CA TRP A 447 -18.91 -24.64 14.85
C TRP A 447 -18.92 -25.71 15.93
N ARG A 448 -18.18 -25.51 17.04
CA ARG A 448 -18.16 -26.47 18.12
C ARG A 448 -19.30 -26.27 19.11
N LEU A 449 -20.10 -25.22 18.95
CA LEU A 449 -21.20 -24.96 19.88
C LEU A 449 -22.35 -25.92 19.67
N SER A 450 -22.92 -26.40 20.77
CA SER A 450 -24.12 -27.20 20.72
C SER A 450 -25.32 -26.34 20.31
N ASN A 451 -26.41 -27.02 19.93
CA ASN A 451 -27.65 -26.29 19.64
C ASN A 451 -28.06 -25.42 20.82
N GLN A 452 -27.99 -25.96 22.04
CA GLN A 452 -28.38 -25.18 23.22
C GLN A 452 -27.45 -23.98 23.43
N GLU A 453 -26.14 -24.19 23.24
CA GLU A 453 -25.20 -23.08 23.38
C GLU A 453 -25.42 -22.03 22.31
N GLN A 454 -25.73 -22.45 21.08
CA GLN A 454 -26.02 -21.47 20.03
C GLN A 454 -27.18 -20.56 20.43
N ILE A 455 -28.25 -21.14 20.99
CA ILE A 455 -29.35 -20.29 21.45
C ILE A 455 -28.90 -19.40 22.60
N ARG A 456 -28.18 -19.97 23.58
CA ARG A 456 -27.76 -19.18 24.74
C ARG A 456 -26.87 -18.03 24.35
N PHE A 457 -26.02 -18.20 23.35
CA PHE A 457 -25.12 -17.14 22.94
C PHE A 457 -25.67 -16.32 21.78
N GLY A 458 -26.88 -16.64 21.31
CA GLY A 458 -27.58 -15.81 20.36
C GLY A 458 -27.15 -15.93 18.92
N VAL A 459 -26.52 -17.04 18.54
CA VAL A 459 -25.94 -17.16 17.20
C VAL A 459 -26.14 -18.60 16.73
N ARG A 460 -26.95 -18.78 15.69
CA ARG A 460 -27.18 -20.11 15.13
C ARG A 460 -26.33 -20.30 13.87
N LEU A 461 -25.54 -21.37 13.86
CA LEU A 461 -24.67 -21.66 12.75
C LEU A 461 -25.48 -21.94 11.49
N GLY A 462 -25.00 -21.40 10.36
CA GLY A 462 -25.72 -21.50 9.12
C GLY A 462 -26.84 -20.51 8.97
N VAL A 463 -27.09 -19.68 9.99
CA VAL A 463 -28.16 -18.69 9.93
C VAL A 463 -27.54 -17.34 10.25
N ASP A 464 -27.05 -17.18 11.48
CA ASP A 464 -26.46 -15.92 11.92
C ASP A 464 -24.99 -15.80 11.60
N TYR A 465 -24.29 -16.93 11.44
CA TYR A 465 -22.89 -16.95 11.13
C TYR A 465 -22.63 -18.26 10.40
N PRO A 466 -21.84 -18.27 9.33
CA PRO A 466 -21.72 -19.48 8.51
C PRO A 466 -20.95 -20.60 9.19
N TYR A 467 -21.25 -21.82 8.78
CA TYR A 467 -20.34 -22.92 9.01
C TYR A 467 -19.05 -22.68 8.24
N PRO A 468 -17.94 -23.26 8.69
CA PRO A 468 -16.69 -23.16 7.92
C PRO A 468 -16.85 -23.70 6.50
N MET A 469 -16.33 -22.95 5.54
CA MET A 469 -16.49 -23.33 4.13
C MET A 469 -15.53 -24.44 3.71
N VAL A 470 -14.48 -24.70 4.48
CA VAL A 470 -13.55 -25.80 4.24
C VAL A 470 -13.09 -26.33 5.59
N ASP A 471 -12.49 -27.51 5.59
CA ASP A 471 -11.70 -27.96 6.72
C ASP A 471 -10.29 -27.44 6.52
N LEU A 472 -9.74 -26.79 7.57
CA LEU A 472 -8.44 -26.15 7.42
C LEU A 472 -7.37 -27.15 7.02
N GLN A 473 -7.29 -28.28 7.74
CA GLN A 473 -6.23 -29.25 7.50
C GLN A 473 -6.37 -29.90 6.14
N GLU A 474 -7.58 -30.36 5.80
CA GLU A 474 -7.77 -31.04 4.51
C GLU A 474 -7.47 -30.09 3.35
N SER A 475 -7.92 -28.85 3.44
CA SER A 475 -7.76 -27.92 2.33
C SER A 475 -6.30 -27.55 2.11
N VAL A 476 -5.55 -27.33 3.19
CA VAL A 476 -4.13 -27.00 2.99
C VAL A 476 -3.38 -28.18 2.39
N GLU A 477 -3.73 -29.40 2.81
CA GLU A 477 -3.06 -30.57 2.26
C GLU A 477 -3.34 -30.71 0.77
N ALA A 478 -4.60 -30.46 0.35
CA ALA A 478 -4.92 -30.57 -1.07
C ALA A 478 -4.18 -29.52 -1.88
N ASN A 479 -4.10 -28.29 -1.39
CA ASN A 479 -3.41 -27.27 -2.15
C ASN A 479 -1.89 -27.43 -2.07
N ARG A 480 -1.37 -28.03 -0.99
CA ARG A 480 0.06 -28.34 -0.94
C ARG A 480 0.43 -29.33 -2.04
N ARG A 481 -0.41 -30.35 -2.24
CA ARG A 481 -0.11 -31.34 -3.27
C ARG A 481 -0.09 -30.70 -4.65
N ILE A 482 -1.04 -29.80 -4.92
CA ILE A 482 -1.08 -29.10 -6.21
C ILE A 482 0.16 -28.24 -6.39
N TYR A 483 0.56 -27.51 -5.34
CA TYR A 483 1.75 -26.67 -5.41
C TYR A 483 2.98 -27.51 -5.69
N GLU A 484 3.12 -28.64 -4.97
CA GLU A 484 4.28 -29.50 -5.14
C GLU A 484 4.38 -30.00 -6.57
N LYS A 485 3.26 -30.43 -7.15
CA LYS A 485 3.28 -30.90 -8.53
C LYS A 485 3.64 -29.78 -9.48
N ALA A 486 3.09 -28.58 -9.28
CA ALA A 486 3.42 -27.46 -10.14
C ALA A 486 4.91 -27.13 -10.04
N LEU A 487 5.47 -27.19 -8.83
CA LEU A 487 6.89 -26.92 -8.66
C LEU A 487 7.72 -27.97 -9.36
N ARG A 488 7.32 -29.23 -9.23
CA ARG A 488 8.04 -30.31 -9.91
C ARG A 488 8.05 -30.11 -11.41
N MET A 489 6.95 -29.61 -11.97
CA MET A 489 6.81 -29.44 -13.42
C MET A 489 7.46 -28.16 -13.95
N THR A 490 8.02 -27.33 -13.07
CA THR A 490 8.67 -26.09 -13.50
C THR A 490 10.12 -26.32 -13.93
PA FAD B . 4.03 -0.58 10.21
O1A FAD B . 4.20 -1.94 10.78
O2A FAD B . 3.89 0.58 11.16
O5B FAD B . 5.10 0.23 9.59
C5B FAD B . 5.91 -0.30 8.53
C4B FAD B . 5.85 0.57 7.30
O4B FAD B . 6.74 -0.09 6.40
C3B FAD B . 4.48 0.63 6.61
O3B FAD B . 3.80 1.88 6.65
C2B FAD B . 4.80 0.26 5.14
O2B FAD B . 5.18 1.38 4.34
C1B FAD B . 6.03 -0.61 5.31
N9A FAD B . 5.77 -2.04 5.53
C8A FAD B . 5.51 -2.69 6.70
N7A FAD B . 5.35 -3.98 6.58
C5A FAD B . 5.54 -4.20 5.22
C6A FAD B . 5.51 -5.37 4.44
N6A FAD B . 5.26 -6.59 4.93
N1A FAD B . 5.72 -5.23 3.11
C2A FAD B . 5.95 -4.01 2.61
N3A FAD B . 6.01 -2.85 3.26
C4A FAD B . 5.79 -3.01 4.56
N1 FAD B . 1.70 -2.45 2.36
C2 FAD B . 1.44 -1.28 1.71
O2 FAD B . 2.02 -0.22 2.01
N3 FAD B . 0.56 -1.29 0.63
C4 FAD B . -0.11 -2.40 0.15
O4 FAD B . -0.87 -2.29 -0.82
C4X FAD B . 0.15 -3.62 0.89
N5 FAD B . -0.48 -4.73 0.52
C5X FAD B . -0.17 -5.91 1.22
C6 FAD B . -0.78 -7.10 0.84
C7 FAD B . -0.52 -8.29 1.53
C7M FAD B . -1.20 -9.56 1.08
C8 FAD B . 0.34 -8.28 2.62
C8M FAD B . 0.65 -9.55 3.37
C9 FAD B . 0.96 -7.08 3.00
C9A FAD B . 0.71 -5.91 2.31
N10 FAD B . 1.28 -4.67 2.72
C10 FAD B . 1.07 -3.53 1.99
C1' FAD B . 2.32 -4.62 3.79
C2' FAD B . 1.80 -4.34 5.21
O2' FAD B . 0.77 -5.25 5.60
C3' FAD B . 1.37 -2.88 5.37
O3' FAD B . 2.44 -2.02 4.99
C4' FAD B . 1.01 -2.54 6.82
O4' FAD B . -0.11 -3.31 7.23
C5' FAD B . 0.68 -1.06 6.96
O5' FAD B . 0.50 -0.74 8.36
P FAD B . 1.46 0.26 9.10
O1P FAD B . 0.85 0.44 10.49
O2P FAD B . 1.72 1.52 8.35
O3P FAD B . 2.83 -0.59 9.18
N1 MHF C . -1.34 -1.10 -10.54
C2 MHF C . -0.43 -0.13 -10.82
NA2 MHF C . -0.40 1.05 -9.97
N3 MHF C . 0.46 -0.29 -11.90
C4 MHF C . 0.42 -1.37 -12.69
O4 MHF C . 1.19 -1.48 -13.61
C4A MHF C . -0.51 -2.34 -12.40
N5 MHF C . -0.70 -3.58 -13.19
C6 MHF C . -2.06 -4.20 -13.20
C7 MHF C . -2.47 -4.48 -11.76
N8 MHF C . -2.45 -3.29 -10.98
C8A MHF C . -1.41 -2.19 -11.30
C9 MHF C . -1.90 -5.41 -13.97
N10 MHF C . -0.50 -5.19 -14.63
C11 MHF C . 0.00 -3.99 -14.53
C12 MHF C . 0.94 -7.54 -17.79
C13 MHF C . -0.18 -7.95 -17.11
C14 MHF C . -0.67 -7.19 -16.06
C15 MHF C . -0.02 -6.02 -15.75
C16 MHF C . 1.10 -5.59 -16.42
C17 MHF C . 1.60 -6.36 -17.46
C MHF C . 1.48 -8.41 -18.94
O MHF C . 2.40 -8.02 -19.59
N MHF C . 0.84 -9.67 -19.13
CA MHF C . 1.26 -10.57 -20.18
CB MHF C . 0.50 -11.90 -20.02
CG MHF C . 1.26 -12.79 -18.98
CD MHF C . 0.53 -14.14 -18.83
OE1 MHF C . -0.63 -14.28 -19.32
OE2 MHF C . 1.07 -15.11 -18.22
CT MHF C . 0.93 -9.96 -21.53
O1 MHF C . -0.19 -9.39 -21.71
O2 MHF C . 1.79 -10.03 -22.46
C1 GOL D . -1.07 4.12 -7.61
O1 GOL D . -2.19 3.68 -6.96
C2 GOL D . 0.08 3.98 -6.62
O2 GOL D . -0.36 4.10 -5.31
C3 GOL D . 0.63 2.60 -6.91
O3 GOL D . 1.57 2.39 -5.97
C1 GOL E . -15.00 -27.40 11.09
O1 GOL E . -15.56 -28.65 11.48
C2 GOL E . -13.54 -27.70 10.62
O2 GOL E . -13.50 -28.65 9.60
C3 GOL E . -12.96 -26.34 10.15
O3 GOL E . -11.60 -26.56 9.88
C1 GOL F . -1.94 -24.19 -5.44
O1 GOL F . -1.36 -24.63 -4.27
C2 GOL F . -3.48 -24.33 -5.29
O2 GOL F . -3.82 -25.61 -4.95
C3 GOL F . -4.07 -23.90 -6.68
O3 GOL F . -5.46 -24.11 -6.67
C1 GOL G . -9.96 20.59 -13.37
O1 GOL G . -10.92 19.81 -12.74
C2 GOL G . -10.72 21.67 -14.22
O2 GOL G . -11.26 22.70 -13.43
C3 GOL G . -9.66 22.18 -15.24
O3 GOL G . -10.20 23.30 -15.87
#